data_3U7A
#
_entry.id   3U7A
#
_cell.length_a   52.120
_cell.length_b   52.120
_cell.length_c   156.470
_cell.angle_alpha   90.00
_cell.angle_beta   90.00
_cell.angle_gamma   120.00
#
_symmetry.space_group_name_H-M   'P 61 2 2'
#
loop_
_entity.id
_entity.type
_entity.pdbx_description
1 polymer 'Amyloidogenic immunoglobulin light chain protein AL-09 Y32F Y96F, variable domain'
2 water water
#
_entity_poly.entity_id   1
_entity_poly.type   'polypeptide(L)'
_entity_poly.pdbx_seq_one_letter_code
;STDIQMTQSPSSLSASVGDRVTITCQASQDINNFLIWYQQKPGQAPKLLIYDASTLETGVPSRFSGSGSGTEFTFTISSL
QPEDLATYHCQQYDNLPFTFGQGTKLEIKR
;
_entity_poly.pdbx_strand_id   A
#
# COMPACT_ATOMS: atom_id res chain seq x y z
N ASP A 3 -2.03 4.67 -20.38
N ASP A 3 -1.96 4.74 -20.39
CA ASP A 3 -2.66 3.82 -19.33
CA ASP A 3 -2.59 3.89 -19.34
C ASP A 3 -1.59 3.11 -18.50
C ASP A 3 -1.51 3.18 -18.50
N ILE A 4 -1.72 3.17 -17.17
CA ILE A 4 -0.66 2.70 -16.27
C ILE A 4 -1.05 1.46 -15.47
N GLN A 5 -0.19 0.45 -15.48
CA GLN A 5 -0.44 -0.79 -14.74
CA GLN A 5 -0.44 -0.78 -14.75
C GLN A 5 0.34 -0.80 -13.44
N MET A 6 -0.36 -1.12 -12.36
CA MET A 6 0.25 -1.23 -11.05
C MET A 6 0.44 -2.70 -10.70
N THR A 7 1.66 -3.03 -10.25
N THR A 7 1.64 -3.09 -10.28
CA THR A 7 1.98 -4.39 -9.83
CA THR A 7 1.87 -4.43 -9.81
C THR A 7 2.27 -4.37 -8.35
C THR A 7 2.31 -4.44 -8.36
N GLN A 8 1.70 -5.33 -7.62
CA GLN A 8 1.83 -5.33 -6.18
C GLN A 8 2.28 -6.70 -5.68
N SER A 9 3.16 -6.69 -4.68
CA SER A 9 3.72 -7.92 -4.13
C SER A 9 4.03 -7.70 -2.66
N PRO A 10 3.83 -8.74 -1.82
CA PRO A 10 3.28 -10.05 -2.19
C PRO A 10 1.74 -10.00 -2.25
N SER A 11 1.08 -11.06 -2.70
CA SER A 11 -0.37 -11.04 -2.74
C SER A 11 -0.95 -11.30 -1.34
N SER A 12 -0.24 -12.12 -0.55
N SER A 12 -0.24 -12.06 -0.51
CA SER A 12 -0.64 -12.47 0.82
CA SER A 12 -0.59 -12.12 0.91
C SER A 12 0.57 -12.46 1.76
C SER A 12 0.60 -12.49 1.77
N LEU A 13 0.30 -12.36 3.07
N LEU A 13 0.51 -12.15 3.04
CA LEU A 13 1.38 -12.33 4.07
CA LEU A 13 1.50 -12.60 4.02
C LEU A 13 0.83 -12.58 5.48
C LEU A 13 0.91 -12.59 5.43
N SER A 14 1.47 -13.46 6.25
CA SER A 14 1.13 -13.60 7.67
C SER A 14 2.36 -13.22 8.48
N ALA A 15 2.17 -12.43 9.52
CA ALA A 15 3.29 -12.14 10.42
C ALA A 15 2.78 -11.91 11.85
N SER A 16 3.71 -11.68 12.76
CA SER A 16 3.36 -11.60 14.17
C SER A 16 3.24 -10.15 14.61
N VAL A 17 2.46 -9.92 15.67
CA VAL A 17 2.37 -8.60 16.27
C VAL A 17 3.78 -8.11 16.64
N GLY A 18 4.09 -6.88 16.25
CA GLY A 18 5.38 -6.31 16.55
C GLY A 18 6.37 -6.43 15.39
N ASP A 19 6.04 -7.26 14.40
CA ASP A 19 6.91 -7.43 13.24
C ASP A 19 6.96 -6.18 12.39
N ARG A 20 8.11 -5.92 11.79
CA ARG A 20 8.19 -4.93 10.74
CA ARG A 20 8.26 -4.86 10.73
C ARG A 20 7.76 -5.60 9.44
N VAL A 21 6.81 -4.98 8.74
CA VAL A 21 6.27 -5.57 7.52
C VAL A 21 6.39 -4.60 6.36
N THR A 22 6.81 -5.13 5.22
CA THR A 22 7.01 -4.31 4.03
C THR A 22 6.25 -4.90 2.84
N ILE A 23 5.57 -4.04 2.08
CA ILE A 23 4.98 -4.50 0.82
C ILE A 23 5.28 -3.49 -0.29
N THR A 24 5.32 -3.99 -1.52
CA THR A 24 5.81 -3.19 -2.62
C THR A 24 4.78 -2.96 -3.70
N CYS A 25 5.00 -1.90 -4.45
CA CYS A 25 4.17 -1.54 -5.59
CA CYS A 25 4.18 -1.60 -5.61
C CYS A 25 5.07 -1.02 -6.70
N GLN A 26 4.83 -1.48 -7.93
CA GLN A 26 5.57 -1.02 -9.09
C GLN A 26 4.60 -0.43 -10.11
N ALA A 27 4.96 0.73 -10.69
CA ALA A 27 4.17 1.34 -11.75
C ALA A 27 4.80 1.05 -13.10
N SER A 28 3.95 0.81 -14.11
CA SER A 28 4.44 0.44 -15.44
C SER A 28 5.15 1.60 -16.14
N GLN A 29 5.12 2.79 -15.54
CA GLN A 29 5.91 3.91 -16.04
C GLN A 29 6.24 4.87 -14.91
N ASP A 30 7.06 5.89 -15.20
CA ASP A 30 7.45 6.85 -14.18
C ASP A 30 6.26 7.70 -13.72
N ILE A 31 5.86 7.55 -12.46
CA ILE A 31 4.74 8.33 -11.93
C ILE A 31 5.17 9.32 -10.86
N ASN A 32 6.46 9.63 -10.81
CA ASN A 32 6.97 10.55 -9.80
C ASN A 32 6.57 10.05 -8.41
N ASN A 33 5.96 10.90 -7.59
CA ASN A 33 5.51 10.46 -6.27
C ASN A 33 3.99 10.38 -6.13
N PHE A 34 3.27 10.33 -7.25
CA PHE A 34 1.81 10.30 -7.20
C PHE A 34 1.28 8.89 -6.95
N LEU A 35 1.51 8.41 -5.73
CA LEU A 35 0.99 7.12 -5.30
C LEU A 35 0.21 7.27 -3.99
N ILE A 36 -0.96 6.65 -3.93
CA ILE A 36 -1.71 6.54 -2.70
C ILE A 36 -1.71 5.10 -2.22
N TRP A 37 -1.65 4.91 -0.90
CA TRP A 37 -1.87 3.58 -0.32
C TRP A 37 -3.20 3.58 0.41
N TYR A 38 -4.05 2.58 0.12
CA TYR A 38 -5.34 2.42 0.81
C TYR A 38 -5.32 1.21 1.74
N GLN A 39 -6.22 1.25 2.73
CA GLN A 39 -6.43 0.12 3.61
C GLN A 39 -7.90 -0.26 3.56
N GLN A 40 -8.15 -1.56 3.53
N GLN A 40 -8.18 -1.55 3.48
CA GLN A 40 -9.50 -2.09 3.45
CA GLN A 40 -9.56 -1.99 3.52
C GLN A 40 -9.65 -3.22 4.46
C GLN A 40 -9.69 -3.20 4.45
N LYS A 41 -10.23 -2.93 5.63
CA LYS A 41 -10.40 -3.95 6.65
C LYS A 41 -11.61 -4.81 6.32
N PRO A 42 -11.64 -6.04 6.85
CA PRO A 42 -12.76 -6.92 6.51
C PRO A 42 -14.10 -6.26 6.83
N GLY A 43 -14.91 -6.01 5.80
CA GLY A 43 -16.24 -5.47 5.98
C GLY A 43 -16.34 -3.96 5.97
N GLN A 44 -15.19 -3.28 5.93
CA GLN A 44 -15.16 -1.82 6.03
C GLN A 44 -14.94 -1.15 4.68
N ALA A 45 -15.22 0.15 4.64
CA ALA A 45 -14.91 0.98 3.48
C ALA A 45 -13.41 1.21 3.38
N PRO A 46 -12.90 1.46 2.16
CA PRO A 46 -11.50 1.81 1.93
C PRO A 46 -11.10 3.09 2.67
N LYS A 47 -9.87 3.14 3.15
CA LYS A 47 -9.38 4.28 3.91
C LYS A 47 -8.03 4.70 3.34
N LEU A 48 -7.93 5.98 2.97
CA LEU A 48 -6.67 6.52 2.46
C LEU A 48 -5.67 6.62 3.61
N LEU A 49 -4.51 6.01 3.45
CA LEU A 49 -3.50 6.03 4.50
C LEU A 49 -2.39 7.01 4.16
N ILE A 50 -1.91 6.93 2.92
CA ILE A 50 -0.77 7.71 2.48
C ILE A 50 -1.05 8.29 1.11
N TYR A 51 -0.55 9.50 0.89
CA TYR A 51 -0.57 10.08 -0.46
C TYR A 51 0.76 10.73 -0.72
N ASP A 52 0.92 11.23 -1.95
CA ASP A 52 2.22 11.69 -2.45
C ASP A 52 3.32 10.71 -2.06
N ALA A 53 3.01 9.42 -2.18
CA ALA A 53 3.92 8.30 -1.91
C ALA A 53 4.39 8.17 -0.45
N SER A 54 4.55 9.28 0.26
CA SER A 54 5.15 9.24 1.59
C SER A 54 4.46 10.11 2.64
N THR A 55 3.40 10.82 2.27
CA THR A 55 2.73 11.70 3.24
C THR A 55 1.62 10.97 3.98
N LEU A 56 1.84 10.76 5.28
CA LEU A 56 0.85 10.11 6.12
C LEU A 56 -0.35 11.05 6.28
N GLU A 57 -1.56 10.54 6.04
CA GLU A 57 -2.76 11.32 6.23
C GLU A 57 -3.01 11.54 7.72
N THR A 58 -3.55 12.72 8.04
CA THR A 58 -3.83 13.12 9.41
C THR A 58 -4.61 12.03 10.17
N GLY A 59 -4.10 11.64 11.33
CA GLY A 59 -4.81 10.71 12.20
C GLY A 59 -4.55 9.24 11.90
N VAL A 60 -3.88 8.99 10.79
CA VAL A 60 -3.50 7.62 10.44
C VAL A 60 -2.33 7.19 11.34
N PRO A 61 -2.36 5.94 11.83
CA PRO A 61 -1.32 5.50 12.77
C PRO A 61 0.10 5.74 12.27
N SER A 62 0.94 6.27 13.14
CA SER A 62 2.30 6.69 12.78
C SER A 62 3.28 5.53 12.49
N ARG A 63 2.85 4.29 12.67
CA ARG A 63 3.72 3.17 12.33
C ARG A 63 3.58 2.75 10.87
N PHE A 64 2.66 3.41 10.15
CA PHE A 64 2.58 3.28 8.70
C PHE A 64 3.48 4.33 8.04
N SER A 65 4.24 3.91 7.02
CA SER A 65 5.02 4.84 6.23
C SER A 65 5.11 4.36 4.78
N GLY A 66 5.46 5.26 3.88
CA GLY A 66 5.64 4.91 2.49
C GLY A 66 6.87 5.59 1.92
N SER A 67 7.50 4.97 0.94
CA SER A 67 8.62 5.59 0.25
C SER A 67 8.68 5.18 -1.21
N GLY A 68 9.60 5.80 -1.94
CA GLY A 68 9.76 5.53 -3.36
C GLY A 68 9.32 6.71 -4.21
N SER A 69 9.97 6.87 -5.37
CA SER A 69 9.59 7.89 -6.32
C SER A 69 9.98 7.38 -7.70
N GLY A 70 9.08 7.50 -8.66
CA GLY A 70 9.32 7.01 -10.01
C GLY A 70 8.45 5.80 -10.34
N THR A 71 9.03 4.60 -10.20
CA THR A 71 8.34 3.38 -10.59
C THR A 71 8.23 2.35 -9.46
N GLU A 72 9.05 2.49 -8.42
CA GLU A 72 9.08 1.48 -7.36
C GLU A 72 8.83 2.09 -5.98
N PHE A 73 7.85 1.53 -5.30
CA PHE A 73 7.37 2.10 -4.05
C PHE A 73 7.22 1.03 -2.98
N THR A 74 7.30 1.45 -1.73
CA THR A 74 7.13 0.52 -0.62
CA THR A 74 7.17 0.55 -0.60
C THR A 74 6.25 1.13 0.46
N PHE A 75 5.47 0.27 1.11
CA PHE A 75 4.64 0.63 2.22
C PHE A 75 5.11 -0.22 3.39
N THR A 76 5.36 0.43 4.53
CA THR A 76 5.98 -0.23 5.67
C THR A 76 5.17 -0.02 6.96
N ILE A 77 4.97 -1.12 7.69
CA ILE A 77 4.40 -1.07 9.03
C ILE A 77 5.53 -1.40 9.99
N SER A 78 5.88 -0.47 10.87
CA SER A 78 7.05 -0.65 11.74
C SER A 78 6.77 -1.60 12.90
N SER A 79 5.49 -1.88 13.14
CA SER A 79 5.10 -2.79 14.21
C SER A 79 3.70 -3.29 13.93
N LEU A 80 3.62 -4.50 13.38
CA LEU A 80 2.34 -5.08 13.03
C LEU A 80 1.45 -5.17 14.24
N GLN A 81 0.19 -4.75 14.08
CA GLN A 81 -0.78 -4.77 15.16
C GLN A 81 -2.03 -5.52 14.72
N PRO A 82 -2.78 -6.09 15.69
CA PRO A 82 -3.97 -6.87 15.36
C PRO A 82 -4.90 -6.15 14.38
N GLU A 83 -5.10 -4.85 14.60
CA GLU A 83 -6.05 -4.07 13.80
C GLU A 83 -5.57 -3.85 12.36
N ASP A 84 -4.35 -4.30 12.06
CA ASP A 84 -3.80 -4.17 10.71
C ASP A 84 -4.32 -5.25 9.77
N LEU A 85 -5.08 -6.20 10.32
CA LEU A 85 -5.72 -7.23 9.50
C LEU A 85 -6.58 -6.55 8.44
N ALA A 86 -6.09 -6.58 7.20
CA ALA A 86 -6.74 -5.87 6.11
C ALA A 86 -6.05 -6.17 4.80
N THR A 87 -6.66 -5.70 3.71
CA THR A 87 -6.03 -5.76 2.40
C THR A 87 -5.59 -4.35 2.01
N TYR A 88 -4.37 -4.24 1.52
CA TYR A 88 -3.79 -2.96 1.17
C TYR A 88 -3.59 -2.85 -0.33
N HIS A 89 -4.11 -1.78 -0.92
CA HIS A 89 -3.92 -1.49 -2.35
C HIS A 89 -3.18 -0.18 -2.54
N CYS A 90 -2.28 -0.17 -3.52
CA CYS A 90 -1.70 1.09 -3.98
C CYS A 90 -2.53 1.59 -5.16
N GLN A 91 -2.36 2.86 -5.49
CA GLN A 91 -3.06 3.46 -6.61
C GLN A 91 -2.24 4.63 -7.15
N GLN A 92 -1.98 4.64 -8.45
CA GLN A 92 -1.33 5.77 -9.09
C GLN A 92 -2.39 6.81 -9.45
N TYR A 93 -2.09 8.08 -9.24
CA TYR A 93 -2.99 9.15 -9.66
C TYR A 93 -2.26 10.14 -10.57
N ASP A 94 -1.17 9.67 -11.17
CA ASP A 94 -0.45 10.47 -12.16
C ASP A 94 -1.28 10.63 -13.44
N ASN A 95 -2.09 9.62 -13.75
CA ASN A 95 -2.89 9.63 -14.97
CA ASN A 95 -2.87 9.60 -14.99
C ASN A 95 -4.25 8.99 -14.76
N LEU A 96 -5.27 9.59 -15.37
CA LEU A 96 -6.63 9.03 -15.34
C LEU A 96 -6.82 8.01 -16.47
N PRO A 97 -7.57 6.92 -16.20
CA PRO A 97 -8.16 6.62 -14.89
C PRO A 97 -7.10 6.16 -13.88
N PHE A 98 -7.28 6.53 -12.62
CA PHE A 98 -6.43 6.03 -11.56
C PHE A 98 -6.53 4.52 -11.54
N THR A 99 -5.40 3.84 -11.32
CA THR A 99 -5.37 2.39 -11.36
C THR A 99 -4.79 1.81 -10.07
N PHE A 100 -5.27 0.63 -9.70
CA PHE A 100 -4.87 -0.04 -8.45
C PHE A 100 -3.86 -1.15 -8.68
N GLY A 101 -3.07 -1.47 -7.66
CA GLY A 101 -2.33 -2.72 -7.63
C GLY A 101 -3.30 -3.84 -7.26
N GLN A 102 -2.84 -5.08 -7.27
CA GLN A 102 -3.72 -6.23 -7.04
C GLN A 102 -4.14 -6.34 -5.57
N GLY A 103 -3.42 -5.65 -4.68
CA GLY A 103 -3.71 -5.71 -3.26
C GLY A 103 -2.87 -6.75 -2.55
N THR A 104 -2.62 -6.52 -1.26
CA THR A 104 -1.90 -7.46 -0.41
C THR A 104 -2.77 -7.77 0.81
N LYS A 105 -3.10 -9.04 1.02
CA LYS A 105 -3.87 -9.44 2.19
CA LYS A 105 -3.87 -9.45 2.18
C LYS A 105 -2.93 -9.73 3.34
N LEU A 106 -3.05 -8.95 4.40
CA LEU A 106 -2.15 -9.05 5.54
C LEU A 106 -2.86 -9.66 6.75
N GLU A 107 -2.26 -10.70 7.33
CA GLU A 107 -2.85 -11.40 8.46
C GLU A 107 -1.88 -11.50 9.63
N ILE A 108 -2.41 -11.48 10.85
CA ILE A 108 -1.57 -11.52 12.05
C ILE A 108 -1.57 -12.90 12.69
N LYS A 109 -0.47 -13.62 12.51
CA LYS A 109 -0.32 -14.98 13.03
C LYS A 109 -0.35 -14.98 14.56
#